data_5O7Y
#
_entry.id   5O7Y
#
_cell.length_a   47.231
_cell.length_b   87.028
_cell.length_c   94.171
_cell.angle_alpha   90.00
_cell.angle_beta   90.00
_cell.angle_gamma   90.00
#
_symmetry.space_group_name_H-M   'P 21 21 21'
#
loop_
_entity.id
_entity.type
_entity.pdbx_description
1 polymer 'Thebaine 6-O-demethylase'
2 non-polymer 'NICKEL (II) ION'
3 non-polymer 'SUCCINIC ACID'
4 non-polymer 1,2-ETHANEDIOL
5 non-polymer DI(HYDROXYETHYL)ETHER
6 water water
#
_entity_poly.entity_id   1
_entity_poly.type   'polypeptide(L)'
_entity_poly.pdbx_seq_one_letter_code
;SNAMEKAKLMKLGNGMEIPSVQELAKLTLAEIPSRYVCANENLLLPMGASVINDHETIPVIDIENLLSPEPIIGKLELDR
LHFACKEWGFFQVVNHGVDASLVDSVKSEIQGFFNLSMDEKTKYEQEDGDVEGFGQGFIESEDQTLDWADIFMMFTLPLH
LRKPHLFSKLPVPLRETIESYSSEMKKLSMVLFNKMEKALQVQAAEIKGMSEVFIDGTQAMRMNYYPPCPQPNLAIGLTS
HSDFGGLTILLQINEVEGLQIKREGTWISVKPLPNAFVVNVGDILEIMTNGIYHSVDHRAVVNSTNERLSIATFHDPSLE
SVIGPISSLITPETPALFKSGSTYGDLVEECKTRKLDGKSFLDSMRI
;
_entity_poly.pdbx_strand_id   A
#
# COMPACT_ATOMS: atom_id res chain seq x y z
N SER A 1 19.42 -25.68 4.17
CA SER A 1 20.44 -24.58 4.10
C SER A 1 21.73 -24.97 4.82
N ASN A 2 22.85 -24.38 4.37
CA ASN A 2 24.16 -24.70 4.96
C ASN A 2 24.52 -23.71 6.09
N ALA A 3 25.51 -24.08 6.89
CA ALA A 3 25.86 -23.30 8.08
C ALA A 3 26.31 -21.86 7.77
N MET A 4 26.92 -21.64 6.59
CA MET A 4 27.39 -20.30 6.18
C MET A 4 26.20 -19.41 5.83
N GLU A 5 25.24 -19.97 5.10
CA GLU A 5 23.98 -19.27 4.81
C GLU A 5 23.32 -18.83 6.11
N LYS A 6 23.25 -19.75 7.08
CA LYS A 6 22.64 -19.47 8.36
C LYS A 6 23.30 -18.28 9.07
N ALA A 7 24.62 -18.23 9.02
CA ALA A 7 25.39 -17.21 9.74
C ALA A 7 25.20 -15.84 9.07
N LYS A 8 25.17 -15.87 7.74
CA LYS A 8 24.89 -14.68 6.93
C LYS A 8 23.51 -14.10 7.20
N LEU A 9 22.54 -14.97 7.43
CA LEU A 9 21.17 -14.53 7.69
C LEU A 9 20.94 -14.04 9.11
N MET A 10 21.69 -14.57 10.07
CA MET A 10 21.42 -14.37 11.48
C MET A 10 22.40 -13.48 12.22
N LYS A 11 23.63 -13.36 11.74
CA LYS A 11 24.63 -12.57 12.47
C LYS A 11 24.69 -11.18 11.83
N LEU A 12 23.76 -10.34 12.26
CA LEU A 12 23.48 -9.06 11.61
C LEU A 12 23.87 -7.90 12.49
N GLY A 13 24.76 -7.04 12.00
CA GLY A 13 25.03 -5.77 12.65
C GLY A 13 24.18 -4.64 12.06
N ASN A 14 24.08 -3.56 12.81
CA ASN A 14 23.54 -2.29 12.28
C ASN A 14 24.33 -1.85 11.03
N GLY A 15 23.59 -1.40 10.03
CA GLY A 15 24.16 -1.01 8.73
C GLY A 15 24.18 -2.10 7.68
N MET A 16 24.02 -3.35 8.08
CA MET A 16 23.93 -4.45 7.11
CA MET A 16 23.94 -4.45 7.12
C MET A 16 22.57 -4.41 6.44
N GLU A 17 22.48 -5.07 5.29
CA GLU A 17 21.19 -5.20 4.59
C GLU A 17 20.26 -6.09 5.42
N ILE A 18 18.98 -5.70 5.49
CA ILE A 18 17.96 -6.53 6.10
C ILE A 18 17.91 -7.86 5.32
N PRO A 19 18.00 -9.00 6.02
CA PRO A 19 18.07 -10.25 5.27
C PRO A 19 16.74 -10.73 4.74
N SER A 20 16.80 -11.63 3.76
CA SER A 20 15.60 -12.27 3.19
C SER A 20 14.93 -13.20 4.21
N VAL A 21 13.66 -12.92 4.49
CA VAL A 21 12.87 -13.80 5.35
C VAL A 21 12.44 -15.08 4.63
N GLN A 22 12.31 -15.03 3.30
CA GLN A 22 12.05 -16.23 2.55
C GLN A 22 13.23 -17.22 2.71
N GLU A 23 14.46 -16.71 2.75
CA GLU A 23 15.63 -17.54 3.07
C GLU A 23 15.67 -17.98 4.55
N LEU A 24 15.42 -17.05 5.47
CA LEU A 24 15.35 -17.36 6.90
C LEU A 24 14.37 -18.51 7.20
N ALA A 25 13.21 -18.48 6.53
CA ALA A 25 12.20 -19.51 6.68
C ALA A 25 12.67 -20.92 6.32
N LYS A 26 13.65 -21.05 5.44
CA LYS A 26 14.20 -22.38 5.08
C LYS A 26 14.98 -23.02 6.24
N LEU A 27 15.47 -22.20 7.17
CA LEU A 27 16.23 -22.71 8.32
C LEU A 27 15.35 -23.46 9.31
N THR A 28 14.03 -23.26 9.22
CA THR A 28 13.03 -23.91 10.07
C THR A 28 13.46 -23.82 11.55
N LEU A 29 13.62 -22.58 11.99
CA LEU A 29 14.06 -22.31 13.35
C LEU A 29 12.90 -22.51 14.33
N ALA A 30 13.23 -22.94 15.55
CA ALA A 30 12.23 -23.14 16.61
C ALA A 30 11.68 -21.77 17.06
N GLU A 31 12.58 -20.87 17.43
N GLU A 31 12.60 -20.89 17.41
CA GLU A 31 12.19 -19.51 17.79
CA GLU A 31 12.31 -19.51 17.78
C GLU A 31 12.73 -18.51 16.76
C GLU A 31 12.68 -18.57 16.64
N ILE A 32 11.98 -17.44 16.54
CA ILE A 32 12.34 -16.40 15.57
C ILE A 32 13.46 -15.55 16.17
N PRO A 33 14.40 -15.07 15.33
CA PRO A 33 15.42 -14.17 15.86
C PRO A 33 14.80 -12.95 16.52
N SER A 34 15.47 -12.43 17.53
CA SER A 34 14.93 -11.42 18.40
C SER A 34 14.44 -10.17 17.65
N ARG A 35 15.13 -9.80 16.57
CA ARG A 35 14.79 -8.59 15.81
C ARG A 35 13.36 -8.62 15.18
N TYR A 36 12.76 -9.80 15.03
CA TYR A 36 11.38 -9.93 14.50
C TYR A 36 10.27 -9.90 15.58
N VAL A 37 10.64 -9.85 16.85
CA VAL A 37 9.68 -9.88 17.95
C VAL A 37 9.16 -8.47 18.15
N CYS A 38 7.85 -8.26 18.03
CA CYS A 38 7.28 -6.93 18.28
C CYS A 38 7.36 -6.57 19.77
N ALA A 39 7.91 -5.38 20.08
CA ALA A 39 8.24 -5.01 21.48
C ALA A 39 7.11 -4.34 22.28
N ASN A 40 6.27 -3.53 21.62
CA ASN A 40 5.18 -2.79 22.30
C ASN A 40 3.82 -3.18 21.75
N LEU A 44 -2.50 -2.60 22.50
CA LEU A 44 -2.84 -3.86 21.85
C LEU A 44 -4.36 -4.05 21.77
N LEU A 45 -4.91 -4.07 20.56
CA LEU A 45 -6.35 -4.09 20.34
C LEU A 45 -6.84 -5.51 20.09
N PRO A 46 -8.10 -5.83 20.50
CA PRO A 46 -8.68 -7.15 20.25
C PRO A 46 -9.21 -7.32 18.81
N MET A 47 -9.49 -8.56 18.43
CA MET A 47 -10.19 -8.86 17.14
C MET A 47 -11.68 -8.46 17.23
N GLY A 48 -12.26 -8.10 16.08
CA GLY A 48 -13.64 -7.58 16.02
C GLY A 48 -14.73 -8.62 16.10
N HIS A 55 -19.82 -10.57 12.66
CA HIS A 55 -18.94 -10.66 11.50
C HIS A 55 -19.13 -9.48 10.54
N GLU A 56 -18.55 -8.34 10.93
CA GLU A 56 -18.67 -7.05 10.22
C GLU A 56 -17.57 -6.96 9.14
N THR A 57 -17.94 -6.82 7.87
CA THR A 57 -16.96 -6.85 6.75
C THR A 57 -16.97 -5.56 5.95
N ILE A 58 -15.87 -5.31 5.23
CA ILE A 58 -15.74 -4.04 4.49
C ILE A 58 -16.70 -3.97 3.31
N PRO A 59 -17.18 -2.77 2.96
CA PRO A 59 -18.14 -2.69 1.86
C PRO A 59 -17.57 -3.14 0.52
N VAL A 60 -18.49 -3.50 -0.39
CA VAL A 60 -18.17 -3.89 -1.75
C VAL A 60 -18.77 -2.86 -2.70
N ILE A 61 -17.95 -2.34 -3.61
CA ILE A 61 -18.36 -1.35 -4.59
C ILE A 61 -18.22 -1.98 -5.96
N ASP A 62 -19.27 -1.90 -6.76
CA ASP A 62 -19.30 -2.47 -8.10
C ASP A 62 -19.03 -1.37 -9.14
N ILE A 63 -17.95 -1.52 -9.90
CA ILE A 63 -17.51 -0.44 -10.80
C ILE A 63 -18.46 -0.30 -12.01
N GLU A 64 -18.97 -1.42 -12.51
CA GLU A 64 -20.01 -1.39 -13.54
C GLU A 64 -21.21 -0.56 -13.08
N ASN A 65 -21.69 -0.80 -11.86
CA ASN A 65 -22.77 0.03 -11.28
C ASN A 65 -22.37 1.51 -11.17
N LEU A 66 -21.15 1.75 -10.69
CA LEU A 66 -20.62 3.10 -10.53
C LEU A 66 -20.61 3.86 -11.85
N LEU A 67 -20.26 3.17 -12.93
CA LEU A 67 -20.22 3.75 -14.26
C LEU A 67 -21.49 3.57 -15.08
N SER A 68 -22.59 3.10 -14.49
CA SER A 68 -23.81 2.78 -15.22
C SER A 68 -24.38 4.02 -15.92
N PRO A 69 -24.80 3.88 -17.18
CA PRO A 69 -25.49 4.98 -17.84
C PRO A 69 -26.91 5.20 -17.30
N GLU A 70 -27.44 4.26 -16.51
CA GLU A 70 -28.74 4.41 -15.82
C GLU A 70 -28.55 5.20 -14.51
N PRO A 71 -29.06 6.46 -14.45
CA PRO A 71 -28.73 7.30 -13.28
C PRO A 71 -29.11 6.73 -11.91
N ILE A 72 -30.22 6.00 -11.80
CA ILE A 72 -30.57 5.43 -10.48
C ILE A 72 -29.55 4.42 -10.00
N ILE A 73 -28.99 3.65 -10.93
CA ILE A 73 -27.98 2.62 -10.60
C ILE A 73 -26.70 3.33 -10.19
N GLY A 74 -26.33 4.33 -11.00
CA GLY A 74 -25.11 5.11 -10.76
C GLY A 74 -25.15 5.85 -9.45
N LYS A 75 -26.29 6.46 -9.14
CA LYS A 75 -26.46 7.18 -7.88
C LYS A 75 -26.41 6.26 -6.66
N LEU A 76 -27.06 5.10 -6.74
CA LEU A 76 -27.00 4.15 -5.62
C LEU A 76 -25.55 3.75 -5.38
N GLU A 77 -24.81 3.45 -6.44
CA GLU A 77 -23.43 3.02 -6.21
C GLU A 77 -22.55 4.16 -5.70
N LEU A 78 -22.83 5.39 -6.15
CA LEU A 78 -22.15 6.56 -5.66
C LEU A 78 -22.39 6.78 -4.16
N ASP A 79 -23.63 6.61 -3.70
CA ASP A 79 -23.95 6.62 -2.25
C ASP A 79 -23.17 5.54 -1.50
N ARG A 80 -23.02 4.38 -2.11
CA ARG A 80 -22.29 3.27 -1.49
C ARG A 80 -20.79 3.59 -1.34
N LEU A 81 -20.22 4.17 -2.40
CA LEU A 81 -18.80 4.60 -2.40
C LEU A 81 -18.56 5.65 -1.35
N HIS A 82 -19.43 6.66 -1.36
CA HIS A 82 -19.37 7.78 -0.42
C HIS A 82 -19.43 7.27 1.03
N PHE A 83 -20.39 6.39 1.32
CA PHE A 83 -20.50 5.73 2.63
C PHE A 83 -19.23 4.99 3.03
N ALA A 84 -18.69 4.21 2.11
CA ALA A 84 -17.52 3.37 2.41
C ALA A 84 -16.31 4.27 2.74
N CYS A 85 -16.13 5.31 1.95
CA CYS A 85 -15.00 6.24 2.15
C CYS A 85 -15.10 7.03 3.45
N LYS A 86 -16.32 7.41 3.83
CA LYS A 86 -16.52 8.08 5.09
C LYS A 86 -16.38 7.16 6.29
N GLU A 87 -17.06 6.03 6.25
CA GLU A 87 -17.25 5.21 7.45
C GLU A 87 -16.22 4.12 7.63
N TRP A 88 -15.65 3.63 6.53
CA TRP A 88 -14.74 2.49 6.60
C TRP A 88 -13.31 2.81 6.17
N GLY A 89 -13.16 3.69 5.19
CA GLY A 89 -11.86 3.99 4.61
C GLY A 89 -11.25 2.89 3.74
N PHE A 90 -11.98 1.79 3.58
CA PHE A 90 -11.55 0.56 2.93
C PHE A 90 -12.79 0.01 2.22
N PHE A 91 -12.62 -0.52 1.00
CA PHE A 91 -13.68 -1.23 0.29
C PHE A 91 -13.12 -2.17 -0.75
N GLN A 92 -13.88 -3.21 -1.08
CA GLN A 92 -13.51 -4.08 -2.20
C GLN A 92 -14.13 -3.53 -3.47
N VAL A 93 -13.47 -3.74 -4.60
CA VAL A 93 -14.08 -3.40 -5.89
C VAL A 93 -14.22 -4.65 -6.73
N VAL A 94 -15.40 -4.81 -7.30
CA VAL A 94 -15.73 -5.92 -8.18
C VAL A 94 -16.24 -5.37 -9.49
N ASN A 95 -16.27 -6.24 -10.50
CA ASN A 95 -16.65 -5.86 -11.85
C ASN A 95 -15.90 -4.62 -12.29
N HIS A 96 -14.59 -4.70 -12.08
CA HIS A 96 -13.68 -3.57 -12.15
C HIS A 96 -13.10 -3.31 -13.53
N GLY A 97 -13.36 -4.19 -14.49
CA GLY A 97 -12.86 -4.01 -15.85
C GLY A 97 -11.44 -4.47 -16.14
N VAL A 98 -10.68 -4.89 -15.13
CA VAL A 98 -9.32 -5.36 -15.33
C VAL A 98 -9.41 -6.84 -15.72
N ASP A 99 -8.94 -7.14 -16.91
CA ASP A 99 -9.07 -8.47 -17.51
C ASP A 99 -8.59 -9.59 -16.58
N ALA A 100 -9.40 -10.64 -16.45
CA ALA A 100 -9.05 -11.80 -15.65
C ALA A 100 -7.69 -12.43 -16.03
N SER A 101 -7.37 -12.46 -17.32
CA SER A 101 -6.10 -13.03 -17.80
C SER A 101 -4.91 -12.22 -17.34
N LEU A 102 -5.07 -10.91 -17.30
CA LEU A 102 -4.02 -10.04 -16.79
C LEU A 102 -3.79 -10.26 -15.31
N VAL A 103 -4.88 -10.32 -14.55
CA VAL A 103 -4.81 -10.59 -13.12
C VAL A 103 -4.13 -11.95 -12.87
N ASP A 104 -4.50 -12.98 -13.62
CA ASP A 104 -3.85 -14.30 -13.47
C ASP A 104 -2.35 -14.21 -13.71
N SER A 105 -1.94 -13.43 -14.71
CA SER A 105 -0.52 -13.24 -15.05
C SER A 105 0.23 -12.48 -14.00
N VAL A 106 -0.41 -11.47 -13.41
CA VAL A 106 0.19 -10.75 -12.28
C VAL A 106 0.50 -11.73 -11.16
N LYS A 107 -0.48 -12.56 -10.82
CA LYS A 107 -0.31 -13.58 -9.79
C LYS A 107 0.79 -14.59 -10.13
N SER A 108 0.76 -15.18 -11.33
CA SER A 108 1.73 -16.23 -11.66
C SER A 108 3.15 -15.68 -11.84
N GLU A 109 3.29 -14.51 -12.45
CA GLU A 109 4.62 -13.93 -12.68
C GLU A 109 5.28 -13.46 -11.38
N ILE A 110 4.50 -12.94 -10.43
CA ILE A 110 5.02 -12.53 -9.13
C ILE A 110 5.35 -13.76 -8.27
N GLN A 111 4.50 -14.78 -8.28
CA GLN A 111 4.83 -16.05 -7.63
C GLN A 111 6.15 -16.58 -8.22
N GLY A 112 6.24 -16.55 -9.56
CA GLY A 112 7.45 -16.97 -10.27
C GLY A 112 8.68 -16.21 -9.83
N PHE A 113 8.52 -14.90 -9.68
CA PHE A 113 9.60 -14.03 -9.30
C PHE A 113 10.15 -14.35 -7.94
N PHE A 114 9.28 -14.45 -6.94
CA PHE A 114 9.76 -14.73 -5.58
C PHE A 114 10.38 -16.12 -5.43
N ASN A 115 10.00 -17.05 -6.31
CA ASN A 115 10.62 -18.39 -6.37
C ASN A 115 11.98 -18.46 -7.08
N LEU A 116 12.43 -17.37 -7.70
CA LEU A 116 13.82 -17.27 -8.16
C LEU A 116 14.83 -17.25 -7.00
N SER A 117 16.08 -17.57 -7.31
CA SER A 117 17.19 -17.48 -6.35
C SER A 117 17.41 -16.02 -5.95
N MET A 118 17.99 -15.84 -4.76
CA MET A 118 18.38 -14.50 -4.30
C MET A 118 19.24 -13.72 -5.32
N ASP A 119 20.18 -14.42 -5.95
CA ASP A 119 21.03 -13.82 -6.99
CA ASP A 119 21.02 -13.83 -7.00
C ASP A 119 20.19 -13.27 -8.14
N GLU A 120 19.19 -14.06 -8.56
CA GLU A 120 18.29 -13.65 -9.63
C GLU A 120 17.35 -12.50 -9.22
N LYS A 121 16.93 -12.46 -7.96
CA LYS A 121 16.03 -11.40 -7.47
C LYS A 121 16.73 -10.06 -7.20
N THR A 122 18.06 -10.08 -7.08
CA THR A 122 18.85 -8.89 -6.69
C THR A 122 19.85 -8.47 -7.78
N LYS A 123 19.52 -8.69 -9.06
CA LYS A 123 20.42 -8.30 -10.16
C LYS A 123 20.56 -6.79 -10.35
N TYR A 124 19.58 -6.02 -9.89
CA TYR A 124 19.63 -4.58 -9.99
C TYR A 124 20.63 -4.01 -8.96
N GLU A 125 21.62 -3.27 -9.46
CA GLU A 125 22.60 -2.56 -8.63
C GLU A 125 21.99 -1.26 -8.12
N GLN A 126 21.68 -1.23 -6.83
CA GLN A 126 21.06 -0.05 -6.22
C GLN A 126 22.11 1.05 -6.02
N GLU A 127 21.74 2.27 -6.39
CA GLU A 127 22.59 3.45 -6.17
C GLU A 127 22.58 3.74 -4.68
N ASP A 128 23.62 4.38 -4.16
CA ASP A 128 23.61 4.84 -2.75
C ASP A 128 22.43 5.80 -2.58
N GLY A 129 21.56 5.53 -1.60
CA GLY A 129 20.30 6.27 -1.41
C GLY A 129 19.12 5.87 -2.30
N ASP A 130 19.33 4.98 -3.27
CA ASP A 130 18.26 4.42 -4.11
C ASP A 130 17.81 3.10 -3.47
N VAL A 131 16.55 3.09 -3.04
CA VAL A 131 15.98 2.01 -2.27
C VAL A 131 14.94 1.20 -3.06
N GLU A 132 14.96 1.30 -4.39
CA GLU A 132 14.01 0.58 -5.23
C GLU A 132 14.56 -0.78 -5.61
N GLY A 133 13.66 -1.72 -5.85
CA GLY A 133 14.00 -3.09 -6.21
C GLY A 133 13.72 -4.01 -5.03
N PHE A 134 14.45 -5.12 -4.97
CA PHE A 134 14.28 -6.10 -3.90
C PHE A 134 14.95 -5.60 -2.64
N GLY A 135 14.27 -5.72 -1.51
CA GLY A 135 14.92 -5.46 -0.21
C GLY A 135 14.18 -4.51 0.70
N GLN A 136 14.21 -4.84 1.99
CA GLN A 136 13.55 -4.01 3.00
C GLN A 136 14.39 -2.83 3.47
N GLY A 137 15.65 -2.76 3.05
CA GLY A 137 16.57 -1.68 3.41
C GLY A 137 17.70 -2.16 4.32
N PHE A 138 18.13 -1.31 5.24
CA PHE A 138 19.29 -1.59 6.12
C PHE A 138 18.89 -1.62 7.57
N ILE A 139 19.61 -2.39 8.38
CA ILE A 139 19.33 -2.45 9.80
C ILE A 139 19.78 -1.15 10.46
N GLU A 140 18.85 -0.49 11.15
CA GLU A 140 19.08 0.83 11.75
C GLU A 140 19.64 0.80 13.17
N SER A 141 19.12 -0.09 14.00
CA SER A 141 19.52 -0.16 15.42
C SER A 141 19.13 -1.53 15.93
N GLU A 142 19.61 -1.88 17.11
CA GLU A 142 19.24 -3.16 17.76
C GLU A 142 17.79 -3.25 18.22
N ASP A 143 17.16 -2.12 18.53
N ASP A 143 17.16 -2.12 18.53
CA ASP A 143 15.75 -2.08 18.94
CA ASP A 143 15.76 -2.08 18.93
C ASP A 143 14.77 -1.89 17.76
C ASP A 143 14.77 -1.87 17.76
N GLN A 144 15.28 -1.84 16.52
CA GLN A 144 14.42 -1.87 15.33
C GLN A 144 13.75 -3.25 15.20
N THR A 145 12.46 -3.24 14.89
CA THR A 145 11.72 -4.47 14.67
C THR A 145 11.66 -4.72 13.19
N LEU A 146 11.98 -5.95 12.78
CA LEU A 146 11.91 -6.31 11.37
C LEU A 146 10.60 -7.01 11.07
N ASP A 147 10.02 -6.68 9.92
CA ASP A 147 8.82 -7.32 9.42
C ASP A 147 9.19 -8.72 8.88
N TRP A 148 8.27 -9.65 9.07
CA TRP A 148 8.37 -11.01 8.53
C TRP A 148 7.86 -11.02 7.10
N ALA A 149 8.67 -10.45 6.21
CA ALA A 149 8.26 -10.15 4.83
C ALA A 149 9.46 -9.76 3.98
N ASP A 150 9.45 -10.22 2.73
CA ASP A 150 10.33 -9.68 1.69
C ASP A 150 9.49 -8.82 0.76
N ILE A 151 10.17 -7.87 0.11
CA ILE A 151 9.51 -6.87 -0.70
CA ILE A 151 9.48 -6.90 -0.73
C ILE A 151 10.31 -6.59 -1.97
N PHE A 152 9.59 -6.24 -3.03
CA PHE A 152 10.16 -5.62 -4.21
C PHE A 152 9.33 -4.36 -4.45
N MET A 153 9.98 -3.21 -4.42
CA MET A 153 9.27 -1.93 -4.54
C MET A 153 9.81 -1.12 -5.71
N MET A 154 8.94 -0.52 -6.51
CA MET A 154 9.41 0.40 -7.55
C MET A 154 8.36 1.40 -7.99
N PHE A 155 8.85 2.56 -8.42
CA PHE A 155 7.98 3.54 -9.05
C PHE A 155 7.62 3.06 -10.44
N THR A 156 6.36 3.33 -10.81
CA THR A 156 5.81 2.88 -12.07
C THR A 156 5.24 4.01 -12.95
N LEU A 157 4.83 5.13 -12.37
CA LEU A 157 4.42 6.32 -13.11
C LEU A 157 4.83 7.58 -12.33
N PRO A 158 5.11 8.68 -13.03
CA PRO A 158 5.19 8.74 -14.48
C PRO A 158 6.40 7.96 -15.02
N LEU A 159 6.46 7.79 -16.33
CA LEU A 159 7.53 7.03 -16.99
C LEU A 159 8.92 7.41 -16.58
N HIS A 160 9.19 8.71 -16.39
CA HIS A 160 10.52 9.19 -16.01
C HIS A 160 10.93 8.87 -14.57
N LEU A 161 10.01 8.40 -13.71
CA LEU A 161 10.37 7.91 -12.38
C LEU A 161 10.69 6.40 -12.36
N ARG A 162 10.42 5.69 -13.45
CA ARG A 162 10.84 4.30 -13.57
C ARG A 162 12.37 4.25 -13.60
N LYS A 163 12.99 3.43 -12.74
CA LYS A 163 14.43 3.18 -12.81
C LYS A 163 14.70 2.30 -14.05
N PRO A 164 15.33 2.86 -15.11
CA PRO A 164 15.45 2.08 -16.35
C PRO A 164 16.22 0.76 -16.18
N HIS A 165 17.30 0.75 -15.39
CA HIS A 165 18.08 -0.47 -15.19
C HIS A 165 17.36 -1.51 -14.35
N LEU A 166 16.51 -1.04 -13.44
CA LEU A 166 15.64 -1.92 -12.65
C LEU A 166 14.70 -2.64 -13.58
N PHE A 167 13.97 -1.87 -14.40
CA PHE A 167 13.04 -2.44 -15.35
C PHE A 167 13.72 -3.39 -16.33
N SER A 168 14.93 -3.05 -16.79
CA SER A 168 15.63 -3.92 -17.76
C SER A 168 16.05 -5.25 -17.15
N LYS A 169 16.29 -5.31 -15.85
CA LYS A 169 16.71 -6.56 -15.21
C LYS A 169 15.55 -7.43 -14.71
N LEU A 170 14.29 -6.98 -14.80
CA LEU A 170 13.15 -7.84 -14.50
C LEU A 170 13.00 -8.91 -15.58
N PRO A 171 12.57 -10.13 -15.19
CA PRO A 171 12.16 -11.07 -16.23
C PRO A 171 11.18 -10.41 -17.18
N VAL A 172 11.29 -10.72 -18.47
CA VAL A 172 10.46 -10.05 -19.49
C VAL A 172 8.92 -10.23 -19.30
N PRO A 173 8.43 -11.46 -19.06
CA PRO A 173 6.97 -11.59 -18.84
C PRO A 173 6.45 -10.82 -17.61
N LEU A 174 7.21 -10.82 -16.52
CA LEU A 174 6.85 -9.99 -15.36
C LEU A 174 6.82 -8.51 -15.73
N ARG A 175 7.86 -8.03 -16.40
CA ARG A 175 7.93 -6.61 -16.76
C ARG A 175 6.74 -6.23 -17.64
N GLU A 176 6.47 -7.01 -18.66
CA GLU A 176 5.37 -6.67 -19.58
C GLU A 176 4.02 -6.70 -18.88
N THR A 177 3.81 -7.70 -18.03
CA THR A 177 2.61 -7.78 -17.22
C THR A 177 2.45 -6.61 -16.25
N ILE A 178 3.54 -6.23 -15.57
CA ILE A 178 3.56 -5.05 -14.67
C ILE A 178 3.22 -3.77 -15.43
N GLU A 179 3.76 -3.64 -16.64
CA GLU A 179 3.49 -2.45 -17.45
C GLU A 179 2.01 -2.37 -17.81
N SER A 180 1.39 -3.50 -18.15
CA SER A 180 -0.04 -3.52 -18.45
CA SER A 180 -0.05 -3.51 -18.45
C SER A 180 -0.86 -3.26 -17.18
N TYR A 181 -0.45 -3.91 -16.10
CA TYR A 181 -1.12 -3.74 -14.80
C TYR A 181 -1.06 -2.29 -14.34
N SER A 182 0.08 -1.65 -14.48
CA SER A 182 0.24 -0.21 -14.16
C SER A 182 -0.83 0.63 -14.86
N SER A 183 -1.00 0.41 -16.15
CA SER A 183 -1.98 1.15 -16.95
C SER A 183 -3.43 0.93 -16.45
N GLU A 184 -3.77 -0.33 -16.20
CA GLU A 184 -5.10 -0.66 -15.71
C GLU A 184 -5.33 -0.14 -14.30
N MET A 185 -4.34 -0.26 -13.40
CA MET A 185 -4.44 0.29 -12.06
C MET A 185 -4.66 1.80 -12.11
N LYS A 186 -3.91 2.48 -12.98
CA LYS A 186 -4.05 3.94 -13.15
C LYS A 186 -5.44 4.34 -13.63
N LYS A 187 -5.91 3.67 -14.67
CA LYS A 187 -7.29 3.85 -15.15
C LYS A 187 -8.33 3.63 -14.06
N LEU A 188 -8.15 2.56 -13.27
CA LEU A 188 -9.10 2.30 -12.18
C LEU A 188 -9.06 3.37 -11.09
N SER A 189 -7.86 3.78 -10.68
CA SER A 189 -7.69 4.87 -9.74
C SER A 189 -8.40 6.14 -10.21
N MET A 190 -8.28 6.48 -11.48
CA MET A 190 -8.92 7.70 -12.02
C MET A 190 -10.46 7.62 -12.10
N VAL A 191 -11.00 6.44 -12.43
CA VAL A 191 -12.44 6.18 -12.26
C VAL A 191 -12.88 6.53 -10.82
N LEU A 192 -12.18 5.99 -9.85
CA LEU A 192 -12.51 6.20 -8.45
C LEU A 192 -12.29 7.65 -7.98
N PHE A 193 -11.15 8.26 -8.32
CA PHE A 193 -10.97 9.70 -8.00
C PHE A 193 -12.09 10.57 -8.58
N ASN A 194 -12.43 10.33 -9.83
CA ASN A 194 -13.51 11.08 -10.51
C ASN A 194 -14.87 10.93 -9.84
N LYS A 195 -15.17 9.71 -9.40
CA LYS A 195 -16.43 9.46 -8.68
C LYS A 195 -16.45 10.00 -7.26
N MET A 196 -15.32 9.88 -6.56
CA MET A 196 -15.19 10.52 -5.25
C MET A 196 -15.43 12.04 -5.33
N GLU A 197 -14.88 12.66 -6.36
CA GLU A 197 -15.08 14.08 -6.62
C GLU A 197 -16.58 14.43 -6.83
N LYS A 198 -17.26 13.65 -7.65
CA LYS A 198 -18.71 13.75 -7.79
C LYS A 198 -19.49 13.50 -6.49
N ALA A 199 -19.15 12.45 -5.75
CA ALA A 199 -19.79 12.20 -4.46
C ALA A 199 -19.64 13.40 -3.50
N LEU A 200 -18.47 14.04 -3.52
CA LEU A 200 -18.19 15.19 -2.67
C LEU A 200 -18.76 16.52 -3.20
N GLN A 201 -19.38 16.48 -4.39
CA GLN A 201 -19.95 17.65 -5.08
C GLN A 201 -18.90 18.70 -5.40
N VAL A 202 -17.67 18.24 -5.69
CA VAL A 202 -16.56 19.13 -6.06
C VAL A 202 -16.66 19.39 -7.58
N GLN A 203 -16.87 20.67 -7.91
N GLN A 203 -16.78 20.66 -7.97
CA GLN A 203 -16.96 21.14 -9.29
CA GLN A 203 -17.14 20.98 -9.36
C GLN A 203 -15.54 21.50 -9.71
C GLN A 203 -15.98 20.90 -10.37
N ALA A 204 -14.89 20.54 -10.37
N ALA A 204 -14.74 20.94 -9.88
CA ALA A 204 -13.47 20.65 -10.70
CA ALA A 204 -13.53 20.68 -10.69
C ALA A 204 -13.16 21.80 -11.66
N ALA A 205 -14.12 22.21 -12.50
CA ALA A 205 -13.96 23.35 -13.41
C ALA A 205 -13.81 24.67 -12.66
N GLU A 206 -14.62 24.86 -11.61
CA GLU A 206 -14.58 26.10 -10.82
C GLU A 206 -13.42 26.17 -9.82
N ILE A 207 -13.09 25.04 -9.17
CA ILE A 207 -12.09 25.04 -8.10
C ILE A 207 -11.06 23.91 -8.19
N LYS A 208 -9.99 24.07 -7.42
CA LYS A 208 -8.89 23.10 -7.38
C LYS A 208 -9.37 21.84 -6.68
N GLY A 209 -9.58 20.79 -7.46
CA GLY A 209 -10.23 19.59 -7.02
C GLY A 209 -9.25 18.48 -6.70
N MET A 210 -9.78 17.26 -6.79
CA MET A 210 -9.07 16.06 -6.45
C MET A 210 -8.35 15.44 -7.66
N SER A 211 -9.11 15.21 -8.73
CA SER A 211 -8.60 14.43 -9.86
C SER A 211 -7.37 15.06 -10.50
N GLU A 212 -7.37 16.40 -10.62
CA GLU A 212 -6.23 17.14 -11.21
C GLU A 212 -4.91 16.88 -10.44
N VAL A 213 -5.01 16.61 -9.14
CA VAL A 213 -3.83 16.30 -8.32
C VAL A 213 -3.25 14.92 -8.66
N PHE A 214 -4.11 13.97 -9.00
CA PHE A 214 -3.68 12.59 -9.23
C PHE A 214 -3.46 12.20 -10.70
N ILE A 215 -4.07 12.90 -11.65
CA ILE A 215 -4.00 12.53 -13.08
C ILE A 215 -2.54 12.46 -13.56
N ASP A 216 -1.71 13.39 -13.14
CA ASP A 216 -0.28 13.35 -13.46
C ASP A 216 0.56 13.10 -12.24
N GLY A 217 0.03 12.31 -11.31
CA GLY A 217 0.68 12.03 -10.06
C GLY A 217 1.59 10.82 -10.20
N THR A 218 2.07 10.31 -9.07
CA THR A 218 3.02 9.22 -9.10
C THR A 218 2.29 7.92 -8.82
N GLN A 219 2.80 6.84 -9.37
CA GLN A 219 2.31 5.50 -9.03
C GLN A 219 3.51 4.67 -8.64
N ALA A 220 3.33 3.80 -7.66
CA ALA A 220 4.37 2.88 -7.23
C ALA A 220 3.72 1.53 -6.85
N MET A 221 4.51 0.48 -6.94
CA MET A 221 4.07 -0.86 -6.58
C MET A 221 4.97 -1.48 -5.52
N ARG A 222 4.35 -2.21 -4.60
CA ARG A 222 5.06 -3.02 -3.60
CA ARG A 222 5.07 -3.02 -3.61
C ARG A 222 4.59 -4.47 -3.75
N MET A 223 5.50 -5.36 -4.10
CA MET A 223 5.20 -6.79 -4.21
C MET A 223 5.69 -7.41 -2.91
N ASN A 224 4.84 -8.17 -2.24
CA ASN A 224 5.08 -8.59 -0.87
C ASN A 224 5.03 -10.10 -0.79
N TYR A 225 6.02 -10.70 -0.12
CA TYR A 225 6.04 -12.14 0.13
C TYR A 225 6.22 -12.35 1.62
N TYR A 226 5.24 -13.03 2.23
CA TYR A 226 5.22 -13.26 3.67
C TYR A 226 5.41 -14.77 3.86
N PRO A 227 6.61 -15.19 4.26
CA PRO A 227 6.74 -16.64 4.47
C PRO A 227 5.94 -17.11 5.69
N PRO A 228 5.73 -18.42 5.80
CA PRO A 228 5.21 -18.95 7.08
C PRO A 228 6.16 -18.56 8.22
N CYS A 229 5.61 -18.31 9.41
CA CYS A 229 6.38 -17.90 10.61
C CYS A 229 6.06 -18.87 11.76
N PRO A 230 7.11 -19.44 12.42
CA PRO A 230 6.84 -20.39 13.53
C PRO A 230 6.25 -19.75 14.80
N GLN A 231 6.48 -18.45 15.01
CA GLN A 231 5.92 -17.74 16.16
C GLN A 231 5.09 -16.52 15.67
N PRO A 232 3.96 -16.79 14.99
CA PRO A 232 3.19 -15.74 14.33
C PRO A 232 2.51 -14.76 15.28
N ASN A 233 2.44 -15.09 16.58
CA ASN A 233 1.93 -14.14 17.58
C ASN A 233 3.05 -13.30 18.23
N LEU A 234 4.29 -13.44 17.77
CA LEU A 234 5.34 -12.50 18.15
C LEU A 234 5.79 -11.58 17.01
N ALA A 235 5.62 -12.05 15.77
CA ALA A 235 6.03 -11.34 14.56
C ALA A 235 4.84 -10.70 13.88
N ILE A 236 5.16 -9.80 12.94
CA ILE A 236 4.17 -9.12 12.12
C ILE A 236 4.66 -9.13 10.66
N GLY A 237 3.72 -9.30 9.72
CA GLY A 237 4.05 -9.27 8.30
C GLY A 237 4.35 -7.84 7.83
N LEU A 238 3.45 -6.93 8.18
CA LEU A 238 3.58 -5.49 7.87
C LEU A 238 3.04 -4.72 9.05
N THR A 239 3.93 -4.02 9.75
CA THR A 239 3.59 -3.25 10.94
C THR A 239 2.42 -2.29 10.70
N SER A 240 1.60 -2.11 11.74
CA SER A 240 0.44 -1.22 11.72
C SER A 240 0.82 0.16 11.19
N HIS A 241 0.05 0.66 10.24
CA HIS A 241 0.33 1.96 9.62
C HIS A 241 -0.94 2.46 8.94
N SER A 242 -0.93 3.73 8.59
CA SER A 242 -1.90 4.23 7.62
C SER A 242 -1.11 4.64 6.40
N ASP A 243 -1.71 4.49 5.23
CA ASP A 243 -1.04 4.82 3.99
C ASP A 243 -0.95 6.34 3.91
N PHE A 244 0.16 6.83 3.39
CA PHE A 244 0.48 8.28 3.43
C PHE A 244 -0.23 9.08 2.35
N GLY A 245 -0.40 8.49 1.17
CA GLY A 245 -0.78 9.22 -0.03
C GLY A 245 -2.25 9.20 -0.41
N GLY A 246 -2.53 8.86 -1.67
CA GLY A 246 -3.88 9.04 -2.20
C GLY A 246 -4.77 7.81 -2.10
N LEU A 247 -4.65 6.94 -3.09
CA LEU A 247 -5.47 5.75 -3.17
C LEU A 247 -4.58 4.55 -3.40
N THR A 248 -4.72 3.55 -2.52
CA THR A 248 -4.06 2.28 -2.66
C THR A 248 -5.00 1.20 -3.20
N ILE A 249 -4.53 0.41 -4.17
CA ILE A 249 -5.31 -0.69 -4.77
C ILE A 249 -4.50 -1.97 -4.63
N LEU A 250 -5.04 -2.90 -3.84
CA LEU A 250 -4.32 -4.09 -3.43
C LEU A 250 -4.93 -5.31 -4.12
N LEU A 251 -4.05 -6.15 -4.64
CA LEU A 251 -4.41 -7.48 -5.11
C LEU A 251 -3.79 -8.51 -4.15
N GLN A 252 -4.63 -9.35 -3.57
CA GLN A 252 -4.09 -10.48 -2.81
C GLN A 252 -3.84 -11.59 -3.83
N ILE A 253 -2.61 -12.09 -3.83
CA ILE A 253 -2.14 -12.95 -4.92
C ILE A 253 -2.55 -14.43 -4.73
N ASN A 254 -2.61 -14.88 -3.50
CA ASN A 254 -3.09 -16.23 -3.19
C ASN A 254 -4.20 -16.11 -2.14
N GLU A 255 -4.78 -17.21 -1.74
CA GLU A 255 -5.99 -17.17 -0.92
C GLU A 255 -5.69 -17.21 0.58
N VAL A 256 -4.51 -16.72 0.99
CA VAL A 256 -4.12 -16.73 2.38
C VAL A 256 -4.49 -15.38 2.97
N GLU A 257 -5.32 -15.39 4.02
CA GLU A 257 -5.71 -14.18 4.73
C GLU A 257 -4.55 -13.60 5.54
N GLY A 258 -4.58 -12.28 5.67
CA GLY A 258 -3.53 -11.57 6.38
C GLY A 258 -3.77 -10.10 6.64
N LEU A 259 -4.44 -9.42 5.71
CA LEU A 259 -4.75 -8.00 5.87
C LEU A 259 -5.83 -7.78 6.95
N GLN A 260 -5.54 -6.89 7.89
CA GLN A 260 -6.48 -6.48 8.95
C GLN A 260 -6.55 -4.97 9.04
N ILE A 261 -7.74 -4.44 9.30
CA ILE A 261 -7.93 -2.99 9.42
C ILE A 261 -8.50 -2.67 10.78
N LYS A 262 -8.22 -1.45 11.25
CA LYS A 262 -8.67 -0.99 12.54
C LYS A 262 -10.04 -0.36 12.35
N ARG A 263 -11.00 -0.86 13.13
CA ARG A 263 -12.35 -0.32 13.15
C ARG A 263 -12.80 -0.28 14.61
N GLU A 264 -13.07 0.93 15.09
CA GLU A 264 -13.61 1.16 16.43
C GLU A 264 -12.79 0.49 17.53
N GLY A 265 -11.48 0.66 17.47
CA GLY A 265 -10.58 0.06 18.44
C GLY A 265 -10.42 -1.45 18.38
N THR A 266 -10.79 -2.06 17.25
CA THR A 266 -10.60 -3.50 17.07
C THR A 266 -10.00 -3.80 15.69
N TRP A 267 -9.32 -4.94 15.58
CA TRP A 267 -8.81 -5.44 14.30
C TRP A 267 -9.84 -6.32 13.59
N ILE A 268 -10.11 -5.99 12.33
CA ILE A 268 -11.10 -6.62 11.47
C ILE A 268 -10.33 -7.29 10.34
N SER A 269 -10.49 -8.60 10.14
CA SER A 269 -9.91 -9.29 8.96
C SER A 269 -10.59 -8.90 7.64
N VAL A 270 -9.79 -8.72 6.59
CA VAL A 270 -10.28 -8.49 5.25
C VAL A 270 -9.99 -9.77 4.47
N LYS A 271 -11.06 -10.41 4.01
CA LYS A 271 -10.97 -11.56 3.11
C LYS A 271 -11.33 -11.10 1.70
N PRO A 272 -10.31 -10.89 0.83
CA PRO A 272 -10.69 -10.38 -0.48
C PRO A 272 -11.55 -11.39 -1.25
N LEU A 273 -12.53 -10.86 -1.97
CA LEU A 273 -13.39 -11.68 -2.80
C LEU A 273 -12.61 -12.18 -4.01
N PRO A 274 -13.11 -13.26 -4.64
CA PRO A 274 -12.48 -13.68 -5.89
C PRO A 274 -12.66 -12.57 -6.93
N ASN A 275 -11.63 -12.26 -7.68
CA ASN A 275 -11.72 -11.19 -8.67
C ASN A 275 -12.08 -9.82 -8.06
N ALA A 276 -11.59 -9.55 -6.84
CA ALA A 276 -11.73 -8.22 -6.23
C ALA A 276 -10.35 -7.63 -5.94
N PHE A 277 -10.29 -6.30 -5.96
CA PHE A 277 -9.19 -5.55 -5.39
C PHE A 277 -9.72 -4.91 -4.12
N VAL A 278 -8.81 -4.65 -3.18
CA VAL A 278 -9.13 -3.92 -1.95
C VAL A 278 -8.56 -2.52 -2.10
N VAL A 279 -9.39 -1.52 -1.86
CA VAL A 279 -9.02 -0.12 -2.08
C VAL A 279 -9.09 0.61 -0.75
N ASN A 280 -8.15 1.51 -0.50
CA ASN A 280 -8.23 2.36 0.69
C ASN A 280 -7.73 3.77 0.48
N VAL A 281 -8.26 4.64 1.32
CA VAL A 281 -7.95 6.05 1.39
C VAL A 281 -6.65 6.24 2.19
N GLY A 282 -5.73 7.04 1.64
CA GLY A 282 -4.52 7.47 2.34
C GLY A 282 -4.64 8.85 3.01
N ASP A 283 -3.63 9.17 3.80
CA ASP A 283 -3.64 10.35 4.65
C ASP A 283 -3.81 11.64 3.83
N ILE A 284 -3.08 11.76 2.73
CA ILE A 284 -3.19 12.97 1.88
C ILE A 284 -4.61 13.10 1.33
N LEU A 285 -5.25 11.98 0.99
CA LEU A 285 -6.66 12.04 0.53
C LEU A 285 -7.62 12.48 1.65
N GLU A 286 -7.37 12.03 2.88
CA GLU A 286 -8.18 12.49 4.01
C GLU A 286 -8.07 14.02 4.13
N ILE A 287 -6.86 14.54 4.05
CA ILE A 287 -6.62 16.01 4.11
C ILE A 287 -7.37 16.76 3.01
N MET A 288 -7.25 16.28 1.78
CA MET A 288 -7.88 16.93 0.65
C MET A 288 -9.40 16.96 0.79
N THR A 289 -9.96 15.93 1.41
CA THR A 289 -11.41 15.86 1.67
C THR A 289 -11.82 16.57 2.96
N ASN A 290 -10.90 17.33 3.55
CA ASN A 290 -11.12 17.99 4.84
C ASN A 290 -11.67 17.06 5.90
N GLY A 291 -11.12 15.85 5.96
CA GLY A 291 -11.51 14.87 6.97
C GLY A 291 -12.84 14.17 6.73
N ILE A 292 -13.44 14.33 5.57
CA ILE A 292 -14.72 13.68 5.25
C ILE A 292 -14.49 12.19 4.96
N TYR A 293 -13.42 11.92 4.21
CA TYR A 293 -12.99 10.55 3.96
C TYR A 293 -11.82 10.24 4.86
N HIS A 294 -11.76 9.00 5.35
CA HIS A 294 -10.84 8.61 6.41
C HIS A 294 -9.81 7.58 6.00
N SER A 295 -8.56 7.91 6.33
CA SER A 295 -7.42 7.03 6.17
C SER A 295 -7.26 6.21 7.43
N VAL A 296 -7.31 4.90 7.27
CA VAL A 296 -7.48 3.96 8.39
C VAL A 296 -6.23 3.12 8.60
N ASP A 297 -5.89 2.91 9.87
CA ASP A 297 -4.80 2.05 10.26
C ASP A 297 -5.09 0.60 9.84
N HIS A 298 -4.04 -0.08 9.39
CA HIS A 298 -4.11 -1.46 8.94
C HIS A 298 -2.74 -2.15 9.04
N ARG A 299 -2.76 -3.47 8.97
CA ARG A 299 -1.56 -4.27 9.18
C ARG A 299 -1.70 -5.57 8.41
N ALA A 300 -0.58 -6.28 8.25
CA ALA A 300 -0.62 -7.62 7.67
C ALA A 300 -0.03 -8.61 8.64
N VAL A 301 -0.81 -9.62 9.01
CA VAL A 301 -0.35 -10.64 9.93
C VAL A 301 0.18 -11.86 9.18
N VAL A 302 1.05 -12.61 9.86
CA VAL A 302 1.61 -13.83 9.30
C VAL A 302 1.00 -15.04 10.02
N ASN A 303 1.21 -16.23 9.48
CA ASN A 303 0.69 -17.46 10.10
C ASN A 303 1.75 -18.56 10.03
N SER A 304 1.53 -19.66 10.75
CA SER A 304 2.58 -20.69 10.89
C SER A 304 2.63 -21.71 9.77
N THR A 305 1.63 -21.72 8.88
CA THR A 305 1.49 -22.78 7.88
C THR A 305 1.64 -22.40 6.41
N ASN A 306 1.26 -21.19 6.00
CA ASN A 306 1.19 -20.87 4.56
C ASN A 306 1.83 -19.53 4.27
N GLU A 307 2.60 -19.46 3.20
CA GLU A 307 3.04 -18.16 2.67
C GLU A 307 1.87 -17.35 2.11
N ARG A 308 1.98 -16.02 2.18
CA ARG A 308 0.97 -15.11 1.62
C ARG A 308 1.71 -14.16 0.68
N LEU A 309 1.07 -13.82 -0.44
CA LEU A 309 1.61 -12.87 -1.40
C LEU A 309 0.58 -11.80 -1.72
N SER A 310 1.07 -10.60 -2.00
CA SER A 310 0.22 -9.51 -2.41
C SER A 310 0.99 -8.49 -3.22
N ILE A 311 0.25 -7.67 -3.96
CA ILE A 311 0.84 -6.49 -4.62
C ILE A 311 -0.06 -5.30 -4.43
N ALA A 312 0.53 -4.22 -3.89
CA ALA A 312 -0.19 -2.97 -3.63
C ALA A 312 0.30 -1.89 -4.61
N THR A 313 -0.64 -1.20 -5.24
CA THR A 313 -0.33 -0.14 -6.17
C THR A 313 -0.85 1.15 -5.57
N PHE A 314 0.06 2.12 -5.42
CA PHE A 314 -0.19 3.36 -4.71
C PHE A 314 -0.30 4.52 -5.69
N HIS A 315 -1.34 5.34 -5.56
CA HIS A 315 -1.59 6.46 -6.47
C HIS A 315 -1.56 7.72 -5.64
N ASP A 316 -0.50 8.51 -5.84
CA ASP A 316 -0.18 9.64 -5.00
C ASP A 316 -0.12 10.92 -5.84
N PRO A 317 -0.06 12.10 -5.17
CA PRO A 317 0.06 13.36 -5.93
C PRO A 317 1.40 13.44 -6.67
N SER A 318 1.57 14.39 -7.58
CA SER A 318 2.93 14.71 -8.02
C SER A 318 3.65 15.42 -6.88
N LEU A 319 4.97 15.39 -6.91
CA LEU A 319 5.77 15.92 -5.83
C LEU A 319 5.53 17.41 -5.60
N GLU A 320 5.14 18.15 -6.64
CA GLU A 320 4.91 19.58 -6.53
C GLU A 320 3.43 20.00 -6.38
N SER A 321 2.52 19.03 -6.25
CA SER A 321 1.12 19.33 -5.97
C SER A 321 1.03 19.99 -4.62
N VAL A 322 0.31 21.09 -4.55
CA VAL A 322 0.04 21.79 -3.30
C VAL A 322 -1.14 21.08 -2.61
N ILE A 323 -0.93 20.68 -1.36
CA ILE A 323 -1.89 19.88 -0.62
C ILE A 323 -2.65 20.73 0.39
N GLY A 324 -3.96 20.56 0.39
CA GLY A 324 -4.79 21.14 1.41
C GLY A 324 -6.23 20.71 1.21
N PRO A 325 -7.08 21.01 2.20
CA PRO A 325 -8.51 20.69 2.04
C PRO A 325 -9.12 21.43 0.87
N ILE A 326 -9.90 20.73 0.05
CA ILE A 326 -10.57 21.34 -1.10
C ILE A 326 -11.54 22.38 -0.58
N SER A 327 -11.53 23.56 -1.20
CA SER A 327 -12.18 24.72 -0.62
C SER A 327 -13.68 24.56 -0.50
N SER A 328 -14.34 23.88 -1.44
CA SER A 328 -15.79 23.69 -1.34
C SER A 328 -16.21 22.72 -0.23
N LEU A 329 -15.26 22.00 0.34
CA LEU A 329 -15.50 21.13 1.50
C LEU A 329 -15.25 21.81 2.83
N ILE A 330 -14.84 23.09 2.81
CA ILE A 330 -14.71 23.92 4.00
C ILE A 330 -15.97 24.77 4.09
N THR A 331 -16.81 24.51 5.07
CA THR A 331 -18.13 25.16 5.20
C THR A 331 -18.40 25.39 6.68
N PRO A 332 -19.45 26.17 7.03
CA PRO A 332 -19.77 26.30 8.45
C PRO A 332 -20.09 24.95 9.13
N GLU A 333 -20.63 23.99 8.39
CA GLU A 333 -20.93 22.66 8.96
C GLU A 333 -19.69 21.78 9.01
N THR A 334 -18.73 22.05 8.12
CA THR A 334 -17.45 21.30 8.06
C THR A 334 -16.26 22.26 7.98
N PRO A 335 -15.92 22.90 9.11
CA PRO A 335 -14.80 23.85 9.08
C PRO A 335 -13.47 23.19 8.76
N ALA A 336 -12.53 24.01 8.32
CA ALA A 336 -11.19 23.55 7.93
C ALA A 336 -10.51 22.82 9.08
N LEU A 337 -10.17 21.57 8.87
CA LEU A 337 -9.51 20.80 9.92
C LEU A 337 -8.00 20.76 9.78
N PHE A 338 -7.50 20.95 8.55
CA PHE A 338 -6.09 20.71 8.27
C PHE A 338 -5.46 21.95 7.65
N LYS A 339 -4.15 22.04 7.84
CA LYS A 339 -3.34 23.09 7.23
C LYS A 339 -3.30 22.92 5.72
N SER A 340 -2.90 23.99 5.05
CA SER A 340 -2.83 24.05 3.60
C SER A 340 -1.47 24.59 3.20
N GLY A 341 -1.03 24.20 2.01
CA GLY A 341 0.02 24.94 1.30
C GLY A 341 1.37 24.28 1.11
N SER A 342 1.66 23.16 1.78
CA SER A 342 2.91 22.44 1.53
C SER A 342 2.79 21.60 0.25
N THR A 343 3.90 21.40 -0.44
CA THR A 343 3.91 20.46 -1.57
C THR A 343 3.89 19.04 -1.02
N TYR A 344 3.40 18.12 -1.81
CA TYR A 344 3.43 16.69 -1.44
C TYR A 344 4.84 16.21 -1.14
N GLY A 345 5.79 16.57 -2.01
CA GLY A 345 7.20 16.19 -1.79
C GLY A 345 7.78 16.69 -0.48
N ASP A 346 7.46 17.92 -0.12
CA ASP A 346 7.86 18.45 1.19
C ASP A 346 7.21 17.72 2.37
N LEU A 347 5.94 17.35 2.21
CA LEU A 347 5.26 16.57 3.26
C LEU A 347 5.88 15.20 3.48
N VAL A 348 6.24 14.54 2.38
CA VAL A 348 6.99 13.28 2.42
C VAL A 348 8.32 13.44 3.20
N GLU A 349 9.08 14.48 2.88
CA GLU A 349 10.38 14.70 3.50
CA GLU A 349 10.39 14.74 3.50
C GLU A 349 10.26 15.07 4.98
N GLU A 350 9.31 15.94 5.30
CA GLU A 350 9.03 16.34 6.69
C GLU A 350 8.62 15.14 7.56
N CYS A 351 7.79 14.26 7.00
CA CYS A 351 7.31 13.08 7.73
C CYS A 351 8.44 12.10 8.09
N LYS A 352 9.46 12.02 7.24
CA LYS A 352 10.63 11.16 7.49
C LYS A 352 11.37 11.53 8.78
N THR A 353 11.42 12.83 9.08
CA THR A 353 12.01 13.33 10.32
C THR A 353 10.91 13.39 11.38
N ARG A 354 9.95 14.29 11.17
CA ARG A 354 8.76 14.48 12.03
C ARG A 354 9.12 14.79 13.51
N LYS A 355 8.59 14.03 14.46
CA LYS A 355 9.00 14.11 15.87
C LYS A 355 9.07 12.67 16.37
N LEU A 356 10.17 12.34 17.06
CA LEU A 356 10.39 10.97 17.58
C LEU A 356 9.18 10.52 18.41
N ASP A 357 8.90 11.26 19.48
CA ASP A 357 7.71 11.05 20.31
C ASP A 357 6.57 11.96 19.85
N GLY A 358 5.34 11.46 19.94
CA GLY A 358 4.15 12.28 19.74
C GLY A 358 3.09 11.64 18.85
N LYS A 359 2.64 12.40 17.85
CA LYS A 359 1.35 12.19 17.19
C LYS A 359 1.47 11.67 15.75
N SER A 360 0.36 11.26 15.17
CA SER A 360 0.34 10.78 13.80
C SER A 360 0.62 11.93 12.83
N PHE A 361 1.06 11.61 11.63
CA PHE A 361 1.12 12.60 10.56
C PHE A 361 -0.18 13.44 10.46
N LEU A 362 -1.33 12.79 10.39
CA LEU A 362 -2.60 13.52 10.29
C LEU A 362 -2.81 14.49 11.45
N ASP A 363 -2.59 14.04 12.68
CA ASP A 363 -2.75 14.95 13.80
C ASP A 363 -1.78 16.13 13.76
N SER A 364 -0.58 15.91 13.22
CA SER A 364 0.41 17.00 13.08
C SER A 364 -0.03 18.06 12.07
N MET A 365 -0.91 17.69 11.14
CA MET A 365 -1.40 18.59 10.13
C MET A 365 -2.67 19.32 10.55
N ARG A 366 -3.23 19.02 11.73
CA ARG A 366 -4.49 19.64 12.16
C ARG A 366 -4.27 21.10 12.52
N ILE A 367 -5.20 21.95 12.09
CA ILE A 367 -5.15 23.37 12.47
C ILE A 367 -5.42 23.52 13.95
#